data_9EV4
#
_entry.id   9EV4
#
_cell.length_a   68.74
_cell.length_b   120.022
_cell.length_c   157.059
_cell.angle_alpha   90
_cell.angle_beta   90
_cell.angle_gamma   90
#
_symmetry.space_group_name_H-M   'I 2 2 2'
#
loop_
_entity.id
_entity.type
_entity.pdbx_description
1 polymer 'Thiamine pyrophosphate-requiring enzymes [acetolactate synthase, pyruvate dehydrogenase (Cytochrome), glyoxylate carboligase, phosphonopyruvate decarboxylase]'
2 non-polymer 'FLAVIN-ADENINE DINUCLEOTIDE'
3 water water
#
_entity_poly.entity_id   1
_entity_poly.type   'polypeptide(L)'
_entity_poly.pdbx_seq_one_letter_code
;GHMARSYAEQLIDTLEAQGVKRIYGLVGDSLNPIVDAVRQSGIEWVHVRNEEAAAFAAGAESLITGELAVCAASCGPGNT
HLIQGLYDSHRNGAKVLAIASHIPSAQIGSTFFQETHPEILFKECSGYCEMVNGGEQGERILHHAIQSTMAGKGVSVVVI
PGDIAKEDAGDGTYSNSTISSGTPVVFPDPTEAAALVEAINNAKSVTLFCGAGVKNARAQVLELAEKIKSPIGHALGGKQ
YIQHENPFEVGMSGLLGYGACVDASNEADLLILLGTDFPYSDFLPKDNVAQVDINGAHIGRRTTVKYPVTGDVAATIENI
LPHVKEKTDRSFLDRMLKAHERKLSSVVETYTHNVEKHVPIHPEYVASILNELADKDAVFTVDTGMCNVWHARYIENPEG
TRDFVGSFRHGTMANALPHAIGAQSVDRNRQVIAMCGDGGLGMLLGELLTVKLHKLPLKAVVFNNSSLGMVKLEMLVEGQ
PEFGTDHEEVNFADIAAAAGIKSVRITDPTKVREQLADALAYPGPVLIDIVTDPNALSIPPTITWEQVMGFSKAATRTVF
GGGVGAMIDLARSNIRNIPTP
;
_entity_poly.pdbx_strand_id   A
#
# COMPACT_ATOMS: atom_id res chain seq x y z
N ARG A 5 -11.26 -37.21 -10.83
CA ARG A 5 -11.00 -36.27 -9.76
C ARG A 5 -12.10 -35.21 -9.65
N SER A 6 -12.15 -34.56 -8.50
CA SER A 6 -13.15 -33.54 -8.18
C SER A 6 -12.74 -32.13 -8.60
N TYR A 7 -13.72 -31.20 -8.61
CA TYR A 7 -13.48 -29.81 -8.89
C TYR A 7 -12.58 -29.21 -7.81
N ALA A 8 -12.75 -29.61 -6.53
CA ALA A 8 -11.82 -29.12 -5.46
C ALA A 8 -10.34 -29.49 -5.81
N GLU A 9 -10.10 -30.75 -6.28
CA GLU A 9 -8.77 -31.20 -6.66
C GLU A 9 -8.25 -30.42 -7.88
N GLN A 10 -9.11 -30.22 -8.88
CA GLN A 10 -8.74 -29.47 -10.07
C GLN A 10 -8.39 -28.00 -9.75
N LEU A 11 -9.16 -27.37 -8.87
CA LEU A 11 -8.93 -25.97 -8.44
C LEU A 11 -7.51 -25.87 -7.82
N ILE A 12 -7.18 -26.79 -6.91
CA ILE A 12 -5.89 -26.75 -6.23
C ILE A 12 -4.75 -27.09 -7.22
N ASP A 13 -4.95 -28.10 -8.08
CA ASP A 13 -3.93 -28.46 -9.08
C ASP A 13 -3.64 -27.28 -10.01
N THR A 14 -4.71 -26.54 -10.39
CA THR A 14 -4.57 -25.42 -11.29
C THR A 14 -3.77 -24.31 -10.61
N LEU A 15 -4.13 -23.94 -9.36
CA LEU A 15 -3.39 -22.91 -8.63
C LEU A 15 -1.92 -23.31 -8.43
N GLU A 16 -1.69 -24.57 -8.11
CA GLU A 16 -0.33 -25.07 -7.88
C GLU A 16 0.51 -24.98 -9.15
N ALA A 17 -0.09 -25.36 -10.32
CA ALA A 17 0.65 -25.29 -11.58
C ALA A 17 0.97 -23.84 -11.97
N GLN A 18 0.18 -22.86 -11.49
CA GLN A 18 0.45 -21.46 -11.78
C GLN A 18 1.43 -20.81 -10.76
N GLY A 19 2.03 -21.60 -9.87
CA GLY A 19 2.99 -21.07 -8.92
C GLY A 19 2.46 -20.60 -7.57
N VAL A 20 1.13 -20.77 -7.28
CA VAL A 20 0.59 -20.41 -5.98
C VAL A 20 1.24 -21.28 -4.88
N LYS A 21 1.74 -20.66 -3.81
CA LYS A 21 2.44 -21.41 -2.75
C LYS A 21 1.63 -21.50 -1.44
N ARG A 22 0.73 -20.54 -1.20
CA ARG A 22 -0.08 -20.46 0.00
C ARG A 22 -1.52 -20.07 -0.29
N ILE A 23 -2.43 -20.47 0.60
CA ILE A 23 -3.82 -20.00 0.61
C ILE A 23 -4.10 -19.54 2.03
N TYR A 24 -4.53 -18.29 2.22
CA TYR A 24 -4.83 -17.77 3.54
C TYR A 24 -6.30 -17.93 3.84
N GLY A 25 -6.64 -18.42 5.02
CA GLY A 25 -8.05 -18.51 5.38
C GLY A 25 -8.30 -19.19 6.71
N LEU A 26 -9.49 -18.99 7.26
CA LEU A 26 -9.95 -19.67 8.43
C LEU A 26 -10.80 -20.85 7.95
N VAL A 27 -10.38 -22.07 8.25
CA VAL A 27 -11.13 -23.24 7.81
C VAL A 27 -12.49 -23.34 8.53
N GLY A 28 -13.51 -23.54 7.75
CA GLY A 28 -14.89 -23.82 8.15
C GLY A 28 -15.35 -25.07 7.42
N ASP A 29 -16.41 -25.73 7.90
CA ASP A 29 -16.88 -26.99 7.30
C ASP A 29 -17.14 -26.92 5.80
N SER A 30 -17.67 -25.78 5.27
CA SER A 30 -17.99 -25.71 3.83
C SER A 30 -16.74 -25.81 2.94
N LEU A 31 -15.55 -25.48 3.49
CA LEU A 31 -14.29 -25.56 2.75
C LEU A 31 -13.62 -26.94 2.83
N ASN A 32 -14.13 -27.88 3.65
CA ASN A 32 -13.46 -29.17 3.89
C ASN A 32 -12.91 -29.86 2.60
N PRO A 33 -13.67 -30.02 1.50
CA PRO A 33 -13.10 -30.69 0.32
C PRO A 33 -11.89 -29.92 -0.25
N ILE A 34 -11.92 -28.58 -0.19
CA ILE A 34 -10.83 -27.78 -0.73
C ILE A 34 -9.61 -27.88 0.20
N VAL A 35 -9.83 -27.82 1.50
CA VAL A 35 -8.74 -27.97 2.48
C VAL A 35 -8.08 -29.36 2.33
N ASP A 36 -8.89 -30.41 2.11
CA ASP A 36 -8.35 -31.78 1.91
C ASP A 36 -7.46 -31.85 0.65
N ALA A 37 -7.87 -31.17 -0.45
CA ALA A 37 -7.05 -31.15 -1.67
C ALA A 37 -5.74 -30.38 -1.44
N VAL A 38 -5.79 -29.27 -0.66
CA VAL A 38 -4.59 -28.51 -0.33
C VAL A 38 -3.62 -29.38 0.49
N ARG A 39 -4.15 -30.16 1.43
CA ARG A 39 -3.31 -31.02 2.28
C ARG A 39 -2.50 -32.01 1.45
N GLN A 40 -3.08 -32.51 0.36
CA GLN A 40 -2.37 -33.46 -0.48
C GLN A 40 -1.54 -32.79 -1.60
N SER A 41 -1.46 -31.45 -1.64
CA SER A 41 -0.75 -30.68 -2.65
C SER A 41 0.55 -30.05 -2.07
N GLY A 42 1.29 -29.32 -2.91
CA GLY A 42 2.44 -28.55 -2.46
C GLY A 42 2.08 -27.20 -1.89
N ILE A 43 0.79 -26.78 -1.96
CA ILE A 43 0.37 -25.49 -1.40
C ILE A 43 0.22 -25.61 0.12
N GLU A 44 0.65 -24.59 0.85
CA GLU A 44 0.50 -24.52 2.31
C GLU A 44 -0.77 -23.74 2.68
N TRP A 45 -1.58 -24.28 3.60
CA TRP A 45 -2.72 -23.52 4.10
C TRP A 45 -2.21 -22.63 5.23
N VAL A 46 -2.40 -21.32 5.14
CA VAL A 46 -2.03 -20.38 6.19
C VAL A 46 -3.30 -20.10 7.01
N HIS A 47 -3.37 -20.65 8.24
CA HIS A 47 -4.52 -20.49 9.10
C HIS A 47 -4.57 -19.17 9.79
N VAL A 48 -5.48 -18.30 9.36
CA VAL A 48 -5.68 -17.04 10.06
C VAL A 48 -6.76 -17.24 11.13
N ARG A 49 -6.50 -16.77 12.35
CA ARG A 49 -7.45 -16.90 13.44
C ARG A 49 -8.58 -15.85 13.29
N ASN A 50 -8.31 -14.70 12.64
CA ASN A 50 -9.37 -13.71 12.38
C ASN A 50 -9.67 -13.84 10.90
N GLU A 51 -10.90 -14.26 10.51
CA GLU A 51 -11.22 -14.44 9.09
C GLU A 51 -10.97 -13.16 8.28
N GLU A 52 -11.17 -11.97 8.92
CA GLU A 52 -10.96 -10.69 8.20
C GLU A 52 -9.51 -10.51 7.73
N ALA A 53 -8.56 -11.17 8.40
CA ALA A 53 -7.16 -11.01 8.03
C ALA A 53 -6.80 -11.65 6.67
N ALA A 54 -7.52 -12.71 6.25
CA ALA A 54 -7.11 -13.51 5.08
C ALA A 54 -6.89 -12.68 3.83
N ALA A 55 -7.82 -11.76 3.54
CA ALA A 55 -7.76 -11.01 2.28
C ALA A 55 -6.65 -9.94 2.34
N PHE A 56 -6.38 -9.38 3.57
CA PHE A 56 -5.24 -8.44 3.69
C PHE A 56 -3.92 -9.19 3.51
N ALA A 57 -3.81 -10.41 4.10
CA ALA A 57 -2.56 -11.17 3.97
C ALA A 57 -2.28 -11.51 2.48
N ALA A 58 -3.32 -11.95 1.75
CA ALA A 58 -3.16 -12.27 0.33
C ALA A 58 -2.77 -10.99 -0.45
N GLY A 59 -3.44 -9.87 -0.17
CA GLY A 59 -3.15 -8.57 -0.80
C GLY A 59 -1.70 -8.15 -0.59
N ALA A 60 -1.22 -8.25 0.66
CA ALA A 60 0.16 -7.88 0.98
C ALA A 60 1.12 -8.83 0.26
N GLU A 61 0.84 -10.15 0.25
CA GLU A 61 1.75 -11.10 -0.44
C GLU A 61 1.86 -10.71 -1.96
N SER A 62 0.71 -10.49 -2.62
CA SER A 62 0.73 -10.12 -4.03
C SER A 62 1.49 -8.80 -4.27
N LEU A 63 1.33 -7.79 -3.39
CA LEU A 63 2.09 -6.54 -3.56
C LEU A 63 3.62 -6.76 -3.50
N ILE A 64 4.04 -7.69 -2.65
CA ILE A 64 5.46 -7.98 -2.49
C ILE A 64 6.00 -8.81 -3.67
N THR A 65 5.24 -9.80 -4.13
CA THR A 65 5.76 -10.72 -5.16
C THR A 65 5.46 -10.32 -6.61
N GLY A 66 4.39 -9.56 -6.81
CA GLY A 66 3.91 -9.21 -8.15
C GLY A 66 3.09 -10.33 -8.80
N GLU A 67 2.86 -11.41 -8.06
CA GLU A 67 2.18 -12.60 -8.56
C GLU A 67 0.80 -12.79 -7.92
N LEU A 68 0.02 -13.75 -8.43
CA LEU A 68 -1.28 -14.07 -7.85
C LEU A 68 -1.14 -14.47 -6.39
N ALA A 69 -2.06 -14.01 -5.53
CA ALA A 69 -2.14 -14.51 -4.16
C ALA A 69 -3.59 -14.91 -3.90
N VAL A 70 -3.81 -15.84 -2.96
CA VAL A 70 -5.13 -16.44 -2.82
C VAL A 70 -5.58 -16.48 -1.38
N CYS A 71 -6.81 -16.10 -1.15
CA CYS A 71 -7.44 -16.23 0.15
C CYS A 71 -8.73 -17.06 0.00
N ALA A 72 -9.24 -17.59 1.09
CA ALA A 72 -10.45 -18.41 1.06
C ALA A 72 -11.27 -18.17 2.32
N ALA A 73 -12.57 -18.38 2.22
CA ALA A 73 -13.45 -18.25 3.37
C ALA A 73 -14.61 -19.25 3.31
N SER A 74 -15.17 -19.61 4.47
CA SER A 74 -16.30 -20.53 4.53
C SER A 74 -17.59 -19.78 4.16
N CYS A 75 -18.68 -20.52 4.03
CA CYS A 75 -19.94 -19.94 3.54
C CYS A 75 -20.58 -18.88 4.47
N GLY A 76 -21.41 -18.01 3.87
CA GLY A 76 -22.21 -17.03 4.59
C GLY A 76 -21.41 -15.99 5.32
N PRO A 77 -21.48 -16.00 6.65
CA PRO A 77 -20.65 -15.04 7.43
C PRO A 77 -19.16 -15.08 7.10
N GLY A 78 -18.64 -16.27 6.79
CA GLY A 78 -17.22 -16.40 6.42
C GLY A 78 -16.81 -15.47 5.27
N ASN A 79 -17.54 -15.52 4.12
CA ASN A 79 -17.04 -14.74 3.00
CA ASN A 79 -17.35 -14.67 2.93
C ASN A 79 -17.45 -13.25 3.21
N THR A 80 -18.43 -12.90 4.10
CA THR A 80 -18.71 -11.54 4.46
C THR A 80 -17.43 -10.89 5.09
N HIS A 81 -16.64 -11.71 5.82
CA HIS A 81 -15.39 -11.20 6.41
C HIS A 81 -14.30 -10.91 5.36
N LEU A 82 -14.45 -11.37 4.10
CA LEU A 82 -13.45 -11.04 3.06
C LEU A 82 -13.54 -9.58 2.61
N ILE A 83 -14.72 -8.95 2.75
CA ILE A 83 -15.00 -7.68 2.09
C ILE A 83 -13.98 -6.58 2.37
N GLN A 84 -13.64 -6.33 3.66
CA GLN A 84 -12.73 -5.21 3.97
C GLN A 84 -11.38 -5.37 3.25
N GLY A 85 -10.80 -6.56 3.36
CA GLY A 85 -9.48 -6.84 2.79
C GLY A 85 -9.53 -6.86 1.28
N LEU A 86 -10.66 -7.26 0.69
CA LEU A 86 -10.79 -7.25 -0.76
C LEU A 86 -10.94 -5.80 -1.28
N TYR A 87 -11.68 -4.90 -0.58
CA TYR A 87 -11.68 -3.46 -0.98
C TYR A 87 -10.22 -2.93 -0.93
N ASP A 88 -9.50 -3.26 0.15
CA ASP A 88 -8.14 -2.75 0.29
C ASP A 88 -7.25 -3.30 -0.85
N SER A 89 -7.32 -4.62 -1.07
CA SER A 89 -6.51 -5.26 -2.12
C SER A 89 -6.85 -4.69 -3.52
N HIS A 90 -8.14 -4.54 -3.79
CA HIS A 90 -8.63 -4.06 -5.09
C HIS A 90 -8.11 -2.61 -5.32
N ARG A 91 -8.23 -1.74 -4.30
CA ARG A 91 -7.79 -0.35 -4.46
CA ARG A 91 -7.79 -0.34 -4.42
C ARG A 91 -6.26 -0.26 -4.56
N ASN A 92 -5.55 -1.15 -3.88
CA ASN A 92 -4.08 -1.18 -3.92
C ASN A 92 -3.54 -1.83 -5.22
N GLY A 93 -4.40 -2.42 -6.05
CA GLY A 93 -3.95 -3.07 -7.29
C GLY A 93 -3.35 -4.44 -7.09
N ALA A 94 -3.60 -5.07 -5.93
CA ALA A 94 -3.03 -6.40 -5.65
C ALA A 94 -3.76 -7.45 -6.47
N LYS A 95 -3.04 -8.42 -6.97
CA LYS A 95 -3.60 -9.49 -7.80
C LYS A 95 -4.06 -10.65 -6.93
N VAL A 96 -5.30 -10.57 -6.43
CA VAL A 96 -5.83 -11.56 -5.51
C VAL A 96 -7.03 -12.30 -6.07
N LEU A 97 -7.03 -13.62 -5.86
CA LEU A 97 -8.20 -14.47 -6.12
C LEU A 97 -8.76 -14.85 -4.75
N ALA A 98 -10.04 -14.65 -4.54
CA ALA A 98 -10.69 -15.08 -3.34
C ALA A 98 -11.62 -16.25 -3.66
N ILE A 99 -11.47 -17.31 -2.91
CA ILE A 99 -12.31 -18.49 -2.98
C ILE A 99 -13.42 -18.31 -1.94
N ALA A 100 -14.61 -17.87 -2.40
CA ALA A 100 -15.74 -17.65 -1.51
C ALA A 100 -16.58 -18.92 -1.47
N SER A 101 -16.28 -19.80 -0.50
CA SER A 101 -17.09 -21.02 -0.31
C SER A 101 -18.55 -20.59 0.03
N HIS A 102 -19.53 -21.36 -0.43
CA HIS A 102 -20.94 -20.93 -0.32
C HIS A 102 -21.82 -22.08 0.17
N ILE A 103 -23.08 -21.79 0.50
CA ILE A 103 -23.99 -22.81 1.02
C ILE A 103 -24.27 -23.89 -0.07
N PRO A 104 -24.77 -25.08 0.30
CA PRO A 104 -25.06 -26.11 -0.71
C PRO A 104 -26.03 -25.61 -1.78
N SER A 105 -25.76 -25.94 -3.05
CA SER A 105 -26.59 -25.41 -4.15
C SER A 105 -28.08 -25.74 -3.97
N ALA A 106 -28.40 -26.87 -3.32
CA ALA A 106 -29.81 -27.25 -3.10
C ALA A 106 -30.55 -26.28 -2.18
N GLN A 107 -29.82 -25.55 -1.32
CA GLN A 107 -30.42 -24.59 -0.36
C GLN A 107 -30.48 -23.16 -0.88
N ILE A 108 -29.85 -22.87 -2.03
CA ILE A 108 -29.88 -21.48 -2.55
C ILE A 108 -31.35 -21.05 -2.86
N GLY A 109 -31.75 -19.93 -2.30
CA GLY A 109 -33.09 -19.37 -2.48
C GLY A 109 -34.09 -19.84 -1.44
N SER A 110 -33.62 -20.59 -0.41
CA SER A 110 -34.54 -21.08 0.63
C SER A 110 -34.32 -20.40 1.99
N THR A 111 -33.55 -19.26 2.05
CA THR A 111 -33.28 -18.59 3.35
C THR A 111 -32.71 -19.60 4.33
N PHE A 112 -31.75 -20.37 3.83
CA PHE A 112 -31.13 -21.43 4.64
C PHE A 112 -30.24 -20.82 5.75
N PHE A 113 -29.86 -21.65 6.72
CA PHE A 113 -28.87 -21.31 7.75
C PHE A 113 -27.59 -20.75 7.09
N GLN A 114 -27.15 -19.55 7.52
CA GLN A 114 -25.98 -18.84 7.00
C GLN A 114 -26.14 -18.33 5.58
N GLU A 115 -27.35 -18.42 4.95
CA GLU A 115 -27.41 -18.02 3.54
C GLU A 115 -27.20 -16.50 3.37
N THR A 116 -26.34 -16.16 2.39
CA THR A 116 -26.17 -14.80 1.87
C THR A 116 -26.14 -14.92 0.32
N HIS A 117 -26.12 -13.79 -0.41
CA HIS A 117 -25.90 -13.77 -1.86
C HIS A 117 -24.56 -13.05 -2.06
N PRO A 118 -23.45 -13.79 -1.95
CA PRO A 118 -22.12 -13.14 -1.98
C PRO A 118 -21.83 -12.36 -3.27
N GLU A 119 -22.45 -12.74 -4.41
CA GLU A 119 -22.23 -11.93 -5.63
C GLU A 119 -22.58 -10.43 -5.43
N ILE A 120 -23.59 -10.11 -4.60
CA ILE A 120 -23.95 -8.69 -4.44
C ILE A 120 -22.89 -7.96 -3.60
N LEU A 121 -22.26 -8.66 -2.66
CA LEU A 121 -21.37 -7.98 -1.71
C LEU A 121 -20.03 -7.59 -2.29
N PHE A 122 -19.61 -8.28 -3.38
CA PHE A 122 -18.26 -8.01 -3.91
C PHE A 122 -18.25 -7.21 -5.19
N LYS A 123 -19.41 -6.70 -5.63
CA LYS A 123 -19.47 -5.98 -6.90
C LYS A 123 -18.55 -4.79 -6.99
N GLU A 124 -18.36 -4.01 -5.90
CA GLU A 124 -17.53 -2.82 -5.99
C GLU A 124 -16.05 -3.12 -5.71
N CYS A 125 -15.76 -4.25 -5.01
CA CYS A 125 -14.38 -4.51 -4.63
C CYS A 125 -13.75 -5.63 -5.49
N SER A 126 -14.24 -5.82 -6.73
CA SER A 126 -13.67 -6.83 -7.59
C SER A 126 -13.86 -6.42 -9.06
N GLY A 127 -13.04 -6.95 -9.92
CA GLY A 127 -13.13 -6.82 -11.39
C GLY A 127 -13.90 -8.00 -12.01
N TYR A 128 -14.02 -9.11 -11.23
CA TYR A 128 -14.67 -10.33 -11.69
C TYR A 128 -15.22 -11.05 -10.48
N CYS A 129 -16.49 -11.45 -10.53
CA CYS A 129 -17.13 -12.20 -9.41
C CYS A 129 -18.27 -13.00 -10.01
N GLU A 130 -18.13 -14.34 -10.02
CA GLU A 130 -19.17 -15.20 -10.59
C GLU A 130 -19.38 -16.46 -9.72
N MET A 131 -20.55 -17.11 -9.84
CA MET A 131 -20.81 -18.34 -9.08
C MET A 131 -20.62 -19.55 -9.94
N VAL A 132 -20.00 -20.54 -9.30
CA VAL A 132 -19.80 -21.84 -9.90
C VAL A 132 -21.13 -22.61 -9.86
N ASN A 133 -21.51 -23.22 -10.98
CA ASN A 133 -22.76 -23.99 -10.98
C ASN A 133 -22.52 -25.48 -11.38
N GLY A 134 -21.28 -25.87 -11.58
CA GLY A 134 -20.89 -27.24 -11.92
C GLY A 134 -19.38 -27.30 -12.08
N GLY A 135 -18.83 -28.51 -12.19
CA GLY A 135 -17.39 -28.67 -12.33
C GLY A 135 -16.80 -28.08 -13.60
N GLU A 136 -17.45 -28.31 -14.76
CA GLU A 136 -17.00 -27.81 -16.07
C GLU A 136 -17.03 -26.28 -16.10
N GLN A 137 -18.16 -25.68 -15.74
CA GLN A 137 -18.28 -24.22 -15.72
C GLN A 137 -17.36 -23.63 -14.61
N GLY A 138 -17.14 -24.38 -13.53
CA GLY A 138 -16.29 -23.93 -12.43
C GLY A 138 -14.85 -23.85 -12.86
N GLU A 139 -14.39 -24.83 -13.68
CA GLU A 139 -13.04 -24.77 -14.22
C GLU A 139 -12.89 -23.53 -15.12
N ARG A 140 -13.89 -23.28 -15.94
CA ARG A 140 -13.88 -22.16 -16.86
C ARG A 140 -13.86 -20.81 -16.12
N ILE A 141 -14.78 -20.59 -15.15
CA ILE A 141 -14.79 -19.27 -14.49
C ILE A 141 -13.54 -19.12 -13.58
N LEU A 142 -12.92 -20.22 -13.11
CA LEU A 142 -11.65 -20.13 -12.35
C LEU A 142 -10.58 -19.52 -13.28
N HIS A 143 -10.50 -20.03 -14.55
CA HIS A 143 -9.58 -19.44 -15.53
C HIS A 143 -9.88 -17.93 -15.72
N HIS A 144 -11.16 -17.60 -15.96
CA HIS A 144 -11.52 -16.22 -16.26
C HIS A 144 -11.19 -15.28 -15.07
N ALA A 145 -11.36 -15.79 -13.85
CA ALA A 145 -11.09 -15.01 -12.65
C ALA A 145 -9.59 -14.74 -12.55
N ILE A 146 -8.76 -15.77 -12.77
CA ILE A 146 -7.31 -15.60 -12.71
C ILE A 146 -6.83 -14.68 -13.85
N GLN A 147 -7.35 -14.89 -15.07
CA GLN A 147 -6.92 -14.08 -16.18
C GLN A 147 -7.32 -12.59 -15.97
N SER A 148 -8.50 -12.34 -15.37
CA SER A 148 -8.92 -10.95 -15.15
C SER A 148 -7.99 -10.24 -14.15
N THR A 149 -7.67 -10.89 -12.99
CA THR A 149 -6.84 -10.22 -12.00
C THR A 149 -5.38 -10.12 -12.52
N MET A 150 -4.87 -11.14 -13.24
CA MET A 150 -3.49 -11.07 -13.77
C MET A 150 -3.34 -10.04 -14.90
N ALA A 151 -4.43 -9.71 -15.59
CA ALA A 151 -4.41 -8.64 -16.61
C ALA A 151 -4.55 -7.22 -15.99
N GLY A 152 -4.59 -7.13 -14.64
CA GLY A 152 -4.71 -5.87 -13.94
C GLY A 152 -6.11 -5.31 -13.79
N LYS A 153 -7.17 -6.16 -13.95
CA LYS A 153 -8.54 -5.63 -13.93
C LYS A 153 -9.21 -5.61 -12.54
N GLY A 154 -8.46 -5.96 -11.51
CA GLY A 154 -8.97 -5.94 -10.14
C GLY A 154 -8.97 -7.29 -9.44
N VAL A 155 -9.46 -7.30 -8.19
CA VAL A 155 -9.58 -8.56 -7.46
C VAL A 155 -10.60 -9.48 -8.15
N SER A 156 -10.39 -10.80 -8.07
CA SER A 156 -11.39 -11.73 -8.62
C SER A 156 -11.96 -12.62 -7.51
N VAL A 157 -13.27 -12.91 -7.57
CA VAL A 157 -13.93 -13.77 -6.58
C VAL A 157 -14.60 -14.94 -7.31
N VAL A 158 -14.39 -16.16 -6.85
CA VAL A 158 -15.07 -17.33 -7.39
C VAL A 158 -15.93 -17.87 -6.24
N VAL A 159 -17.24 -17.84 -6.41
CA VAL A 159 -18.19 -18.28 -5.37
C VAL A 159 -18.50 -19.75 -5.63
N ILE A 160 -18.19 -20.62 -4.64
CA ILE A 160 -18.34 -22.07 -4.85
C ILE A 160 -19.29 -22.72 -3.88
N PRO A 161 -20.51 -23.08 -4.32
CA PRO A 161 -21.41 -23.84 -3.44
C PRO A 161 -20.70 -25.09 -2.92
N GLY A 162 -20.67 -25.27 -1.59
CA GLY A 162 -19.88 -26.33 -0.96
C GLY A 162 -19.95 -27.70 -1.61
N ASP A 163 -21.16 -28.14 -1.97
CA ASP A 163 -21.37 -29.45 -2.61
C ASP A 163 -20.68 -29.58 -3.99
N ILE A 164 -20.61 -28.49 -4.78
CA ILE A 164 -20.01 -28.56 -6.12
C ILE A 164 -18.52 -28.81 -6.07
N ALA A 165 -17.82 -28.46 -4.96
CA ALA A 165 -16.40 -28.82 -4.84
C ALA A 165 -16.20 -30.35 -4.94
N LYS A 166 -17.21 -31.16 -4.53
CA LYS A 166 -17.09 -32.62 -4.60
C LYS A 166 -17.51 -33.23 -5.95
N GLU A 167 -18.14 -32.43 -6.83
CA GLU A 167 -18.51 -32.92 -8.17
C GLU A 167 -17.27 -33.10 -9.07
N ASP A 168 -17.42 -33.82 -10.17
CA ASP A 168 -16.32 -34.09 -11.09
C ASP A 168 -15.72 -32.80 -11.65
N ALA A 169 -14.40 -32.82 -11.85
CA ALA A 169 -13.62 -31.77 -12.48
C ALA A 169 -14.09 -31.54 -13.93
N GLY A 170 -13.80 -30.37 -14.48
CA GLY A 170 -14.04 -30.15 -15.90
C GLY A 170 -13.00 -30.93 -16.70
N ASP A 171 -13.05 -30.85 -18.04
CA ASP A 171 -12.17 -31.69 -18.85
C ASP A 171 -10.74 -31.13 -19.04
N GLY A 172 -10.44 -29.96 -18.49
CA GLY A 172 -9.10 -29.39 -18.59
C GLY A 172 -8.91 -28.33 -19.67
N THR A 173 -9.92 -28.12 -20.54
CA THR A 173 -9.80 -27.12 -21.61
C THR A 173 -9.30 -25.73 -21.14
N TYR A 174 -9.79 -25.23 -19.97
CA TYR A 174 -9.39 -23.91 -19.52
C TYR A 174 -8.18 -23.96 -18.57
N SER A 175 -8.11 -25.00 -17.69
CA SER A 175 -6.96 -25.13 -16.80
C SER A 175 -5.67 -25.38 -17.62
N ASN A 176 -5.77 -25.91 -18.87
CA ASN A 176 -4.60 -26.14 -19.72
C ASN A 176 -4.00 -24.85 -20.32
N SER A 177 -4.75 -23.75 -20.29
CA SER A 177 -4.31 -22.47 -20.83
C SER A 177 -3.17 -21.81 -20.06
N THR A 178 -2.35 -21.05 -20.80
CA THR A 178 -1.32 -20.20 -20.23
C THR A 178 -1.98 -18.84 -19.94
N ILE A 179 -1.77 -18.30 -18.74
CA ILE A 179 -2.35 -17.01 -18.36
C ILE A 179 -1.46 -15.89 -18.87
N SER A 180 -2.06 -14.85 -19.45
CA SER A 180 -1.27 -13.68 -19.83
C SER A 180 -1.04 -12.85 -18.59
N SER A 181 0.20 -12.79 -18.13
CA SER A 181 0.53 -11.93 -16.98
C SER A 181 1.59 -10.89 -17.37
N GLY A 182 1.77 -10.63 -18.67
CA GLY A 182 2.78 -9.70 -19.13
C GLY A 182 2.45 -8.24 -18.91
N THR A 183 3.46 -7.39 -19.10
CA THR A 183 3.29 -5.97 -19.00
C THR A 183 3.41 -5.37 -20.38
N PRO A 184 2.30 -4.99 -21.01
CA PRO A 184 2.40 -4.31 -22.32
C PRO A 184 3.08 -2.95 -22.15
N VAL A 185 3.68 -2.49 -23.22
CA VAL A 185 4.40 -1.22 -23.28
C VAL A 185 3.46 -0.21 -23.91
N VAL A 186 2.90 0.68 -23.11
CA VAL A 186 1.87 1.60 -23.57
C VAL A 186 2.41 2.99 -23.92
N PHE A 187 2.64 3.23 -25.22
CA PHE A 187 3.08 4.53 -25.69
C PHE A 187 1.87 5.45 -25.83
N PRO A 188 2.05 6.75 -25.63
CA PRO A 188 0.90 7.66 -25.77
C PRO A 188 0.51 7.91 -27.22
N ASP A 189 -0.72 8.42 -27.43
CA ASP A 189 -1.18 8.89 -28.72
C ASP A 189 -0.31 10.06 -29.14
N PRO A 190 0.30 10.02 -30.35
CA PRO A 190 1.22 11.11 -30.73
C PRO A 190 0.61 12.51 -30.61
N THR A 191 -0.72 12.69 -30.81
CA THR A 191 -1.33 14.03 -30.68
C THR A 191 -1.26 14.51 -29.22
N GLU A 192 -1.56 13.63 -28.26
CA GLU A 192 -1.49 13.98 -26.85
C GLU A 192 -0.04 14.25 -26.44
N ALA A 193 0.89 13.42 -26.93
CA ALA A 193 2.30 13.59 -26.57
C ALA A 193 2.84 14.91 -27.14
N ALA A 194 2.40 15.32 -28.35
CA ALA A 194 2.82 16.59 -28.94
C ALA A 194 2.30 17.79 -28.13
N ALA A 195 1.06 17.71 -27.60
CA ALA A 195 0.51 18.78 -26.78
C ALA A 195 1.27 18.91 -25.46
N LEU A 196 1.73 17.78 -24.89
CA LEU A 196 2.51 17.80 -23.66
C LEU A 196 3.89 18.44 -23.93
N VAL A 197 4.55 18.11 -25.06
CA VAL A 197 5.83 18.72 -25.46
C VAL A 197 5.69 20.26 -25.53
N GLU A 198 4.62 20.73 -26.18
CA GLU A 198 4.39 22.17 -26.35
C GLU A 198 4.19 22.85 -25.00
N ALA A 199 3.43 22.22 -24.09
CA ALA A 199 3.18 22.77 -22.76
C ALA A 199 4.47 22.91 -21.99
N ILE A 200 5.38 21.91 -22.09
CA ILE A 200 6.65 21.92 -21.38
C ILE A 200 7.58 23.00 -21.96
N ASN A 201 7.67 23.07 -23.31
CA ASN A 201 8.56 24.03 -23.96
C ASN A 201 8.07 25.48 -23.78
N ASN A 202 6.77 25.70 -23.63
CA ASN A 202 6.26 27.06 -23.43
C ASN A 202 6.39 27.51 -21.96
N ALA A 203 6.49 26.55 -21.01
CA ALA A 203 6.63 26.91 -19.60
C ALA A 203 8.06 27.29 -19.26
N LYS A 204 8.22 28.30 -18.42
CA LYS A 204 9.56 28.69 -17.95
C LYS A 204 9.97 27.82 -16.75
N SER A 205 9.00 27.39 -15.93
CA SER A 205 9.25 26.56 -14.77
C SER A 205 8.23 25.41 -14.73
N VAL A 206 8.70 24.21 -14.41
CA VAL A 206 7.87 23.02 -14.37
C VAL A 206 8.09 22.28 -13.06
N THR A 207 7.02 21.73 -12.49
CA THR A 207 7.15 20.86 -11.33
C THR A 207 6.54 19.51 -11.69
N LEU A 208 7.21 18.41 -11.28
CA LEU A 208 6.64 17.06 -11.49
C LEU A 208 6.08 16.57 -10.18
N PHE A 209 4.88 15.98 -10.17
CA PHE A 209 4.27 15.46 -8.95
C PHE A 209 3.95 14.00 -9.23
N CYS A 210 4.69 13.10 -8.58
CA CYS A 210 4.65 11.68 -8.87
C CYS A 210 3.90 10.85 -7.84
N GLY A 211 3.20 9.85 -8.35
CA GLY A 211 2.55 8.88 -7.49
C GLY A 211 3.06 7.47 -7.76
N ALA A 212 2.32 6.46 -7.33
CA ALA A 212 2.70 5.06 -7.47
C ALA A 212 2.93 4.62 -8.93
N GLY A 213 2.37 5.34 -9.88
CA GLY A 213 2.55 5.04 -11.29
C GLY A 213 3.98 5.26 -11.80
N VAL A 214 4.87 5.89 -11.00
CA VAL A 214 6.27 6.05 -11.44
C VAL A 214 7.17 4.90 -10.96
N LYS A 215 6.59 3.83 -10.35
CA LYS A 215 7.27 2.65 -9.82
C LYS A 215 8.42 2.15 -10.73
N ASN A 216 8.14 1.99 -12.04
CA ASN A 216 9.15 1.50 -12.98
C ASN A 216 9.67 2.62 -13.90
N ALA A 217 9.59 3.88 -13.47
CA ALA A 217 9.98 5.01 -14.31
C ALA A 217 10.94 5.96 -13.61
N ARG A 218 11.61 5.54 -12.53
CA ARG A 218 12.58 6.42 -11.86
C ARG A 218 13.58 7.09 -12.81
N ALA A 219 14.28 6.30 -13.65
CA ALA A 219 15.34 6.85 -14.50
C ALA A 219 14.80 7.88 -15.48
N GLN A 220 13.60 7.65 -16.04
CA GLN A 220 12.99 8.55 -17.01
C GLN A 220 12.55 9.84 -16.34
N VAL A 221 11.93 9.75 -15.15
CA VAL A 221 11.50 10.93 -14.40
C VAL A 221 12.73 11.81 -14.05
N LEU A 222 13.79 11.17 -13.55
CA LEU A 222 14.99 11.90 -13.18
C LEU A 222 15.67 12.53 -14.44
N GLU A 223 15.66 11.81 -15.57
CA GLU A 223 16.28 12.34 -16.80
C GLU A 223 15.50 13.56 -17.29
N LEU A 224 14.17 13.48 -17.25
CA LEU A 224 13.31 14.61 -17.63
C LEU A 224 13.57 15.80 -16.69
N ALA A 225 13.59 15.56 -15.36
CA ALA A 225 13.81 16.60 -14.37
C ALA A 225 15.13 17.33 -14.56
N GLU A 226 16.20 16.62 -14.90
CA GLU A 226 17.50 17.25 -15.12
C GLU A 226 17.44 18.13 -16.39
N LYS A 227 16.73 17.68 -17.42
CA LYS A 227 16.62 18.43 -18.67
C LYS A 227 15.83 19.73 -18.50
N ILE A 228 14.70 19.72 -17.78
CA ILE A 228 13.87 20.92 -17.63
C ILE A 228 14.01 21.64 -16.28
N LYS A 229 14.88 21.12 -15.38
CA LYS A 229 15.20 21.71 -14.07
C LYS A 229 13.94 21.77 -13.22
N SER A 230 13.26 20.64 -13.14
CA SER A 230 12.01 20.60 -12.41
C SER A 230 12.14 19.99 -11.02
N PRO A 231 11.62 20.69 -10.00
CA PRO A 231 11.43 20.06 -8.69
C PRO A 231 10.49 18.85 -8.82
N ILE A 232 10.75 17.81 -8.01
CA ILE A 232 9.91 16.61 -8.00
C ILE A 232 9.31 16.40 -6.61
N GLY A 233 7.98 16.48 -6.56
CA GLY A 233 7.20 16.20 -5.37
C GLY A 233 6.45 14.87 -5.52
N HIS A 234 5.88 14.35 -4.41
CA HIS A 234 5.17 13.07 -4.51
C HIS A 234 3.92 12.99 -3.68
N ALA A 235 2.99 12.15 -4.14
CA ALA A 235 1.88 11.71 -3.32
C ALA A 235 2.42 10.58 -2.42
N LEU A 236 1.69 10.21 -1.37
CA LEU A 236 2.12 9.16 -0.45
C LEU A 236 2.39 7.83 -1.19
N GLY A 237 1.58 7.50 -2.21
CA GLY A 237 1.80 6.26 -2.95
C GLY A 237 3.08 6.25 -3.77
N GLY A 238 3.65 7.42 -4.05
CA GLY A 238 4.87 7.50 -4.83
C GLY A 238 6.13 7.71 -3.98
N LYS A 239 5.97 8.03 -2.69
CA LYS A 239 7.11 8.27 -1.77
C LYS A 239 8.19 7.17 -1.85
N GLN A 240 7.78 5.89 -1.75
CA GLN A 240 8.74 4.79 -1.75
C GLN A 240 9.58 4.65 -3.01
N TYR A 241 9.07 5.14 -4.15
CA TYR A 241 9.80 4.98 -5.40
C TYR A 241 10.62 6.19 -5.79
N ILE A 242 10.15 7.42 -5.53
CA ILE A 242 10.81 8.59 -6.12
C ILE A 242 11.59 9.50 -5.15
N GLN A 243 11.33 9.42 -3.85
CA GLN A 243 12.02 10.30 -2.89
C GLN A 243 13.51 9.93 -2.77
N HIS A 244 13.84 8.64 -2.62
CA HIS A 244 15.25 8.23 -2.39
C HIS A 244 16.20 8.68 -3.52
N GLU A 245 17.40 9.18 -3.12
CA GLU A 245 18.48 9.68 -3.98
C GLU A 245 17.96 10.54 -5.13
N ASN A 246 17.06 11.46 -4.80
CA ASN A 246 16.45 12.33 -5.79
C ASN A 246 17.03 13.74 -5.69
N PRO A 247 17.80 14.18 -6.70
CA PRO A 247 18.42 15.52 -6.62
C PRO A 247 17.43 16.71 -6.72
N PHE A 248 16.15 16.42 -6.98
CA PHE A 248 15.10 17.43 -7.19
C PHE A 248 14.01 17.38 -6.12
N GLU A 249 14.22 16.62 -5.05
CA GLU A 249 13.24 16.30 -4.02
C GLU A 249 12.66 17.52 -3.33
N VAL A 250 11.30 17.67 -3.36
CA VAL A 250 10.64 18.77 -2.65
C VAL A 250 9.46 18.28 -1.75
N GLY A 251 9.42 17.00 -1.42
CA GLY A 251 8.51 16.48 -0.42
C GLY A 251 7.14 16.05 -0.92
N MET A 252 6.17 16.07 -0.01
CA MET A 252 4.81 15.56 -0.20
C MET A 252 3.72 16.60 0.11
N SER A 253 2.57 16.55 -0.61
CA SER A 253 1.42 17.42 -0.36
C SER A 253 0.39 16.70 0.54
N GLY A 254 -0.66 17.41 0.95
CA GLY A 254 -1.71 16.87 1.81
C GLY A 254 -1.46 17.19 3.27
N LEU A 255 -2.41 16.87 4.16
CA LEU A 255 -2.26 17.19 5.59
C LEU A 255 -1.05 16.49 6.25
N LEU A 256 -0.66 15.31 5.74
CA LEU A 256 0.52 14.61 6.29
C LEU A 256 1.85 15.03 5.60
N GLY A 257 1.75 16.03 4.72
CA GLY A 257 2.82 16.54 3.91
C GLY A 257 3.97 17.22 4.61
N TYR A 258 4.94 17.59 3.82
CA TYR A 258 6.19 18.18 4.31
C TYR A 258 6.92 18.87 3.18
N GLY A 259 7.80 19.81 3.53
CA GLY A 259 8.61 20.49 2.54
C GLY A 259 7.90 21.49 1.64
N ALA A 260 8.54 21.81 0.51
CA ALA A 260 8.03 22.83 -0.39
C ALA A 260 7.15 22.27 -1.52
N CYS A 261 6.65 21.03 -1.41
CA CYS A 261 5.91 20.40 -2.50
C CYS A 261 4.69 21.23 -2.91
N VAL A 262 3.86 21.67 -1.93
CA VAL A 262 2.67 22.46 -2.27
C VAL A 262 3.07 23.77 -2.94
N ASP A 263 4.15 24.43 -2.46
CA ASP A 263 4.59 25.68 -3.08
C ASP A 263 5.10 25.45 -4.48
N ALA A 264 5.99 24.48 -4.70
CA ALA A 264 6.54 24.20 -6.03
C ALA A 264 5.43 23.83 -7.01
N SER A 265 4.47 23.03 -6.56
CA SER A 265 3.36 22.60 -7.43
C SER A 265 2.48 23.78 -7.86
N ASN A 266 2.24 24.73 -6.95
CA ASN A 266 1.32 25.85 -7.25
C ASN A 266 2.01 27.08 -7.83
N GLU A 267 3.34 27.18 -7.71
CA GLU A 267 4.05 28.32 -8.24
C GLU A 267 4.64 28.08 -9.61
N ALA A 268 4.85 26.81 -10.01
CA ALA A 268 5.41 26.53 -11.35
C ALA A 268 4.46 26.97 -12.45
N ASP A 269 5.03 27.35 -13.62
CA ASP A 269 4.18 27.67 -14.79
C ASP A 269 3.37 26.46 -15.22
N LEU A 270 3.96 25.25 -15.12
CA LEU A 270 3.27 24.01 -15.47
C LEU A 270 3.51 22.94 -14.40
N LEU A 271 2.43 22.27 -13.99
CA LEU A 271 2.46 21.13 -13.10
C LEU A 271 2.21 19.88 -13.93
N ILE A 272 3.06 18.87 -13.80
CA ILE A 272 2.84 17.61 -14.50
C ILE A 272 2.56 16.52 -13.48
N LEU A 273 1.33 16.02 -13.46
CA LEU A 273 0.95 14.89 -12.61
C LEU A 273 1.38 13.61 -13.32
N LEU A 274 2.28 12.86 -12.70
CA LEU A 274 2.80 11.63 -13.28
C LEU A 274 2.40 10.42 -12.45
N GLY A 275 1.51 9.60 -12.99
CA GLY A 275 1.11 8.36 -12.33
C GLY A 275 0.59 8.59 -10.91
N THR A 276 -0.34 9.53 -10.77
CA THR A 276 -0.90 9.82 -9.44
C THR A 276 -2.39 10.10 -9.53
N ASP A 277 -3.11 9.72 -8.48
CA ASP A 277 -4.54 10.01 -8.32
C ASP A 277 -4.78 10.66 -6.93
N PHE A 278 -3.75 11.44 -6.43
CA PHE A 278 -3.77 12.21 -5.18
C PHE A 278 -5.10 12.94 -5.01
N PRO A 279 -5.87 12.63 -3.96
CA PRO A 279 -7.29 13.07 -3.94
C PRO A 279 -7.61 14.43 -3.31
N TYR A 280 -6.61 15.09 -2.67
CA TYR A 280 -6.83 16.32 -1.91
C TYR A 280 -6.69 17.53 -2.83
N SER A 281 -7.75 17.77 -3.62
CA SER A 281 -7.80 18.82 -4.62
C SER A 281 -7.46 20.24 -4.10
N ASP A 282 -7.74 20.55 -2.82
CA ASP A 282 -7.45 21.88 -2.28
C ASP A 282 -5.93 22.18 -2.23
N PHE A 283 -5.07 21.17 -2.36
CA PHE A 283 -3.62 21.36 -2.43
C PHE A 283 -3.12 21.51 -3.88
N LEU A 284 -3.98 21.26 -4.89
CA LEU A 284 -3.59 21.26 -6.30
C LEU A 284 -3.94 22.52 -7.03
N PRO A 285 -3.06 22.97 -7.96
CA PRO A 285 -3.41 24.13 -8.79
C PRO A 285 -4.42 23.73 -9.88
N LYS A 286 -5.00 24.73 -10.56
CA LYS A 286 -5.97 24.51 -11.65
C LYS A 286 -5.55 25.22 -12.95
N ASP A 287 -4.66 26.24 -12.85
CA ASP A 287 -4.31 27.08 -13.99
C ASP A 287 -3.72 26.35 -15.18
N ASN A 288 -2.71 25.49 -14.97
CA ASN A 288 -1.99 24.89 -16.09
C ASN A 288 -1.39 23.57 -15.67
N VAL A 289 -2.15 22.47 -15.89
CA VAL A 289 -1.77 21.14 -15.44
C VAL A 289 -1.81 20.11 -16.57
N ALA A 290 -0.79 19.27 -16.61
CA ALA A 290 -0.74 18.11 -17.48
C ALA A 290 -0.91 16.86 -16.60
N GLN A 291 -1.39 15.76 -17.18
CA GLN A 291 -1.49 14.52 -16.40
C GLN A 291 -1.26 13.33 -17.28
N VAL A 292 -0.30 12.49 -16.89
CA VAL A 292 0.00 11.23 -17.58
C VAL A 292 -0.50 10.06 -16.72
N ASP A 293 -1.42 9.23 -17.26
CA ASP A 293 -1.92 8.08 -16.50
C ASP A 293 -2.17 6.91 -17.46
N ILE A 294 -1.85 5.70 -17.05
CA ILE A 294 -2.04 4.53 -17.90
C ILE A 294 -3.56 4.17 -18.04
N ASN A 295 -4.37 4.64 -17.11
CA ASN A 295 -5.82 4.45 -17.20
C ASN A 295 -6.44 5.82 -17.50
N GLY A 296 -6.88 6.00 -18.75
CA GLY A 296 -7.46 7.27 -19.17
C GLY A 296 -8.64 7.72 -18.34
N ALA A 297 -9.41 6.76 -17.77
CA ALA A 297 -10.59 7.13 -16.95
C ALA A 297 -10.17 7.93 -15.69
N HIS A 298 -8.89 7.79 -15.24
CA HIS A 298 -8.41 8.50 -14.05
C HIS A 298 -8.00 9.94 -14.32
N ILE A 299 -7.80 10.31 -15.59
CA ILE A 299 -7.30 11.64 -15.92
C ILE A 299 -8.33 12.73 -15.58
N GLY A 300 -7.86 13.76 -14.87
CA GLY A 300 -8.72 14.88 -14.51
C GLY A 300 -9.73 14.58 -13.42
N ARG A 301 -9.46 13.53 -12.62
CA ARG A 301 -10.37 13.22 -11.51
C ARG A 301 -10.30 14.28 -10.38
N ARG A 302 -9.14 14.95 -10.24
CA ARG A 302 -8.83 15.75 -9.06
C ARG A 302 -8.66 17.23 -9.25
N THR A 303 -8.41 17.71 -10.47
CA THR A 303 -8.28 19.15 -10.75
C THR A 303 -8.41 19.34 -12.27
N THR A 304 -8.41 20.61 -12.72
CA THR A 304 -8.42 20.94 -14.13
C THR A 304 -7.16 20.42 -14.80
N VAL A 305 -7.32 19.63 -15.87
CA VAL A 305 -6.20 19.09 -16.64
C VAL A 305 -6.35 19.60 -18.06
N LYS A 306 -5.37 20.37 -18.53
CA LYS A 306 -5.41 20.92 -19.90
C LYS A 306 -4.62 20.05 -20.89
N TYR A 307 -3.66 19.25 -20.39
CA TYR A 307 -2.84 18.43 -21.28
C TYR A 307 -2.90 16.99 -20.81
N PRO A 308 -4.00 16.30 -21.18
CA PRO A 308 -4.14 14.90 -20.74
C PRO A 308 -3.36 13.94 -21.63
N VAL A 309 -2.76 12.94 -21.01
CA VAL A 309 -2.01 11.93 -21.75
C VAL A 309 -2.30 10.52 -21.19
N THR A 310 -2.93 9.66 -22.00
CA THR A 310 -3.13 8.26 -21.61
C THR A 310 -1.90 7.46 -22.05
N GLY A 311 -1.15 6.89 -21.11
CA GLY A 311 0.03 6.11 -21.43
C GLY A 311 0.86 5.79 -20.21
N ASP A 312 1.83 4.93 -20.40
CA ASP A 312 2.77 4.55 -19.35
C ASP A 312 3.72 5.74 -19.06
N VAL A 313 4.07 6.00 -17.79
CA VAL A 313 4.99 7.13 -17.52
C VAL A 313 6.35 6.98 -18.23
N ALA A 314 7.02 5.82 -18.11
CA ALA A 314 8.35 5.66 -18.71
C ALA A 314 8.29 5.79 -20.25
N ALA A 315 7.32 5.10 -20.89
CA ALA A 315 7.21 5.15 -22.35
C ALA A 315 6.86 6.56 -22.82
N THR A 316 6.02 7.29 -22.07
CA THR A 316 5.65 8.67 -22.44
C THR A 316 6.87 9.62 -22.35
N ILE A 317 7.67 9.51 -21.27
CA ILE A 317 8.83 10.38 -21.14
C ILE A 317 9.86 10.05 -22.23
N GLU A 318 10.07 8.76 -22.52
CA GLU A 318 11.01 8.34 -23.56
C GLU A 318 10.60 8.91 -24.93
N ASN A 319 9.29 8.92 -25.18
CA ASN A 319 8.75 9.41 -26.43
C ASN A 319 8.92 10.95 -26.56
N ILE A 320 8.70 11.73 -25.48
CA ILE A 320 8.78 13.20 -25.58
C ILE A 320 10.18 13.78 -25.39
N LEU A 321 11.09 13.09 -24.70
CA LEU A 321 12.43 13.63 -24.40
C LEU A 321 13.20 14.20 -25.63
N PRO A 322 13.29 13.54 -26.80
CA PRO A 322 14.03 14.16 -27.93
C PRO A 322 13.42 15.49 -28.40
N HIS A 323 12.14 15.75 -28.11
CA HIS A 323 11.44 16.97 -28.55
C HIS A 323 11.33 18.06 -27.44
N VAL A 324 11.65 17.69 -26.19
CA VAL A 324 11.65 18.64 -25.10
C VAL A 324 12.99 19.41 -25.11
N LYS A 325 12.94 20.74 -25.11
CA LYS A 325 14.17 21.55 -25.11
C LYS A 325 14.81 21.61 -23.72
N GLU A 326 16.14 21.63 -23.69
CA GLU A 326 16.87 21.75 -22.44
C GLU A 326 16.62 23.14 -21.84
N LYS A 327 16.28 23.20 -20.56
CA LYS A 327 16.12 24.48 -19.89
C LYS A 327 17.40 24.76 -19.10
N THR A 328 18.12 25.82 -19.44
CA THR A 328 19.38 26.15 -18.75
C THR A 328 19.17 26.96 -17.46
N ASP A 329 17.99 27.60 -17.32
CA ASP A 329 17.67 28.38 -16.13
C ASP A 329 17.13 27.49 -15.02
N ARG A 330 17.86 27.41 -13.88
CA ARG A 330 17.36 26.60 -12.78
C ARG A 330 17.10 27.46 -11.52
N SER A 331 16.74 28.76 -11.72
CA SER A 331 16.42 29.68 -10.62
C SER A 331 15.27 29.15 -9.76
N PHE A 332 14.21 28.66 -10.41
CA PHE A 332 13.05 28.12 -9.73
C PHE A 332 13.42 26.85 -8.95
N LEU A 333 14.14 25.90 -9.59
CA LEU A 333 14.57 24.68 -8.90
C LEU A 333 15.43 25.02 -7.67
N ASP A 334 16.38 25.98 -7.79
CA ASP A 334 17.24 26.36 -6.67
C ASP A 334 16.43 26.98 -5.54
N ARG A 335 15.49 27.88 -5.87
CA ARG A 335 14.63 28.53 -4.88
C ARG A 335 13.79 27.48 -4.12
N MET A 336 13.25 26.51 -4.85
CA MET A 336 12.42 25.49 -4.24
C MET A 336 13.24 24.54 -3.36
N LEU A 337 14.45 24.13 -3.79
CA LEU A 337 15.32 23.28 -2.98
C LEU A 337 15.69 23.98 -1.66
N LYS A 338 15.98 25.30 -1.73
CA LYS A 338 16.35 26.08 -0.55
C LYS A 338 15.14 26.21 0.39
N ALA A 339 13.96 26.58 -0.17
CA ALA A 339 12.76 26.70 0.65
C ALA A 339 12.37 25.35 1.28
N HIS A 340 12.60 24.26 0.55
CA HIS A 340 12.32 22.90 1.01
C HIS A 340 13.13 22.60 2.28
N GLU A 341 14.45 22.82 2.22
CA GLU A 341 15.30 22.51 3.37
C GLU A 341 14.96 23.44 4.56
N ARG A 342 14.59 24.72 4.30
CA ARG A 342 14.25 25.62 5.41
C ARG A 342 12.96 25.15 6.08
N LYS A 343 11.96 24.68 5.28
CA LYS A 343 10.71 24.20 5.85
C LYS A 343 10.94 22.97 6.70
N LEU A 344 11.76 22.00 6.23
CA LEU A 344 12.06 20.82 7.05
C LEU A 344 12.81 21.19 8.33
N SER A 345 13.82 22.06 8.22
CA SER A 345 14.58 22.48 9.40
C SER A 345 13.67 23.19 10.41
N SER A 346 12.71 23.98 9.91
CA SER A 346 11.81 24.73 10.77
C SER A 346 10.86 23.83 11.59
N VAL A 347 10.30 22.77 10.97
CA VAL A 347 9.39 21.88 11.71
C VAL A 347 10.19 21.04 12.71
N VAL A 348 11.46 20.70 12.42
CA VAL A 348 12.30 19.95 13.37
C VAL A 348 12.53 20.82 14.60
N GLU A 349 12.85 22.09 14.38
CA GLU A 349 13.11 23.02 15.47
C GLU A 349 11.84 23.33 16.27
N THR A 350 10.69 23.49 15.59
CA THR A 350 9.45 23.84 16.29
C THR A 350 8.88 22.71 17.12
N TYR A 351 8.95 21.48 16.60
CA TYR A 351 8.27 20.35 17.23
C TYR A 351 9.13 19.29 17.88
N THR A 352 10.40 19.09 17.47
CA THR A 352 11.15 17.99 18.03
C THR A 352 12.48 18.41 18.65
N HIS A 353 12.51 19.61 19.24
CA HIS A 353 13.71 20.07 19.93
C HIS A 353 13.88 19.24 21.19
N ASN A 354 15.01 18.53 21.33
CA ASN A 354 15.34 17.69 22.49
C ASN A 354 14.28 16.62 22.71
N VAL A 355 13.82 16.00 21.62
CA VAL A 355 12.78 14.96 21.65
C VAL A 355 13.29 13.65 22.31
N GLU A 356 14.63 13.44 22.35
CA GLU A 356 15.24 12.23 22.94
C GLU A 356 15.07 12.13 24.46
N LYS A 357 14.70 13.23 25.13
CA LYS A 357 14.49 13.21 26.58
C LYS A 357 13.01 13.44 26.95
N HIS A 358 12.11 13.59 25.95
CA HIS A 358 10.69 13.81 26.15
C HIS A 358 10.03 12.59 26.83
N VAL A 359 9.20 12.86 27.84
CA VAL A 359 8.50 11.84 28.60
C VAL A 359 7.00 12.22 28.73
N PRO A 360 6.05 11.30 28.47
CA PRO A 360 6.23 9.93 27.95
C PRO A 360 6.90 9.96 26.57
N ILE A 361 7.50 8.84 26.15
CA ILE A 361 8.24 8.74 24.87
C ILE A 361 7.50 9.37 23.67
N HIS A 362 8.17 10.24 22.93
CA HIS A 362 7.57 10.85 21.74
C HIS A 362 7.54 9.81 20.60
N PRO A 363 6.38 9.61 19.96
CA PRO A 363 6.31 8.64 18.85
C PRO A 363 7.24 8.98 17.68
N GLU A 364 7.51 10.27 17.47
CA GLU A 364 8.42 10.70 16.41
C GLU A 364 9.86 10.28 16.72
N TYR A 365 10.22 10.18 18.03
CA TYR A 365 11.54 9.70 18.44
C TYR A 365 11.64 8.21 18.13
N VAL A 366 10.57 7.44 18.46
CA VAL A 366 10.49 6.01 18.13
C VAL A 366 10.65 5.80 16.61
N ALA A 367 9.90 6.56 15.80
CA ALA A 367 9.93 6.41 14.34
C ALA A 367 11.34 6.69 13.76
N SER A 368 12.02 7.71 14.31
CA SER A 368 13.34 8.07 13.84
C SER A 368 14.34 6.92 14.12
N ILE A 369 14.33 6.38 15.34
CA ILE A 369 15.20 5.28 15.71
C ILE A 369 14.83 4.03 14.88
N LEU A 370 13.53 3.78 14.69
CA LEU A 370 13.08 2.62 13.95
C LEU A 370 13.61 2.67 12.51
N ASN A 371 13.60 3.86 11.89
CA ASN A 371 14.14 4.03 10.54
C ASN A 371 15.63 3.66 10.49
N GLU A 372 16.38 4.04 11.53
CA GLU A 372 17.82 3.74 11.56
C GLU A 372 18.09 2.25 11.78
N LEU A 373 17.35 1.63 12.72
CA LEU A 373 17.66 0.26 13.16
C LEU A 373 17.10 -0.83 12.23
N ALA A 374 15.98 -0.56 11.54
CA ALA A 374 15.42 -1.56 10.63
C ALA A 374 16.38 -1.88 9.50
N ASP A 375 16.31 -3.11 8.98
CA ASP A 375 17.13 -3.56 7.87
C ASP A 375 16.90 -2.73 6.62
N LYS A 376 17.93 -2.66 5.78
CA LYS A 376 17.89 -1.93 4.51
C LYS A 376 16.85 -2.48 3.54
N ASP A 377 16.44 -3.75 3.70
CA ASP A 377 15.43 -4.34 2.81
C ASP A 377 14.15 -4.73 3.57
N ALA A 378 13.89 -4.13 4.76
CA ALA A 378 12.71 -4.49 5.55
C ALA A 378 11.41 -4.18 4.82
N VAL A 379 10.36 -4.93 5.14
CA VAL A 379 9.01 -4.55 4.72
C VAL A 379 8.43 -3.82 5.92
N PHE A 380 7.84 -2.65 5.70
CA PHE A 380 7.10 -1.97 6.74
C PHE A 380 5.61 -2.07 6.43
N THR A 381 4.79 -2.51 7.39
CA THR A 381 3.32 -2.42 7.21
C THR A 381 2.85 -1.29 8.15
N VAL A 382 1.84 -0.52 7.71
CA VAL A 382 1.48 0.70 8.40
C VAL A 382 0.01 0.73 8.76
N ASP A 383 -0.30 0.70 10.07
CA ASP A 383 -1.69 0.72 10.52
C ASP A 383 -2.29 2.09 10.22
N THR A 384 -3.52 2.11 9.68
CA THR A 384 -4.17 3.39 9.39
C THR A 384 -4.37 4.23 10.65
N GLY A 385 -3.97 5.49 10.57
CA GLY A 385 -4.13 6.43 11.69
C GLY A 385 -2.85 7.21 11.91
N MET A 386 -2.43 7.44 13.18
CA MET A 386 -1.21 8.19 13.42
C MET A 386 0.03 7.51 12.81
N CYS A 387 0.08 6.15 12.67
CA CYS A 387 1.23 5.51 12.05
C CYS A 387 1.43 5.97 10.60
N ASN A 388 0.36 6.42 9.91
CA ASN A 388 0.56 6.97 8.56
C ASN A 388 1.41 8.24 8.60
N VAL A 389 1.27 9.05 9.67
CA VAL A 389 2.07 10.28 9.81
C VAL A 389 3.54 9.88 10.06
N TRP A 390 3.79 8.93 10.97
CA TRP A 390 5.18 8.53 11.31
C TRP A 390 5.87 7.88 10.13
N HIS A 391 5.16 6.99 9.35
CA HIS A 391 5.73 6.39 8.13
C HIS A 391 6.11 7.51 7.14
N ALA A 392 5.14 8.40 6.82
CA ALA A 392 5.35 9.48 5.87
C ALA A 392 6.52 10.40 6.20
N ARG A 393 6.72 10.76 7.48
CA ARG A 393 7.72 11.74 7.84
C ARG A 393 9.03 11.15 8.35
N TYR A 394 9.07 9.85 8.66
CA TYR A 394 10.28 9.28 9.25
C TYR A 394 10.84 7.99 8.61
N ILE A 395 10.02 7.17 7.94
CA ILE A 395 10.54 5.92 7.39
C ILE A 395 10.98 6.13 5.93
N GLU A 396 12.29 6.04 5.72
CA GLU A 396 12.88 6.28 4.41
C GLU A 396 13.10 4.96 3.64
N ASN A 397 13.52 5.07 2.38
CA ASN A 397 13.79 3.93 1.53
C ASN A 397 15.12 4.10 0.80
N PRO A 398 16.25 4.06 1.52
CA PRO A 398 17.57 4.18 0.83
C PRO A 398 17.77 3.02 -0.17
N GLU A 399 18.18 3.38 -1.38
CA GLU A 399 18.41 2.52 -2.53
C GLU A 399 17.14 1.75 -3.00
N GLY A 400 15.96 2.09 -2.48
CA GLY A 400 14.71 1.48 -2.89
C GLY A 400 14.46 0.02 -2.52
N THR A 401 15.25 -0.54 -1.58
CA THR A 401 15.16 -1.95 -1.24
C THR A 401 14.13 -2.29 -0.13
N ARG A 402 13.52 -1.29 0.53
CA ARG A 402 12.41 -1.56 1.45
C ARG A 402 11.10 -1.60 0.68
N ASP A 403 10.10 -2.28 1.24
CA ASP A 403 8.74 -2.38 0.73
C ASP A 403 7.79 -1.84 1.80
N PHE A 404 6.68 -1.27 1.34
CA PHE A 404 5.72 -0.62 2.21
C PHE A 404 4.33 -1.08 1.86
N VAL A 405 3.59 -1.59 2.85
CA VAL A 405 2.19 -2.02 2.63
C VAL A 405 1.30 -1.30 3.64
N GLY A 406 0.23 -0.68 3.16
CA GLY A 406 -0.71 -0.02 4.07
C GLY A 406 -2.07 0.09 3.41
N SER A 407 -3.03 0.61 4.13
CA SER A 407 -4.37 0.82 3.58
C SER A 407 -4.47 2.31 3.15
N PHE A 408 -3.60 2.71 2.20
CA PHE A 408 -3.46 4.11 1.84
C PHE A 408 -4.67 4.67 1.10
N ARG A 409 -5.49 3.80 0.47
CA ARG A 409 -6.59 4.31 -0.35
C ARG A 409 -7.93 3.98 0.26
N HIS A 410 -8.11 2.72 0.70
CA HIS A 410 -9.38 2.33 1.34
C HIS A 410 -9.41 2.87 2.78
N GLY A 411 -8.26 3.06 3.42
CA GLY A 411 -8.16 3.70 4.72
C GLY A 411 -8.83 2.95 5.86
N THR A 412 -8.73 1.62 5.86
CA THR A 412 -9.35 0.85 6.95
C THR A 412 -8.36 0.62 8.09
N MET A 413 -8.88 0.55 9.29
CA MET A 413 -8.01 0.38 10.45
C MET A 413 -7.62 -1.08 10.68
N ALA A 414 -6.64 -1.32 11.55
CA ALA A 414 -6.21 -2.67 11.96
C ALA A 414 -5.68 -3.53 10.80
N ASN A 415 -5.09 -2.89 9.77
CA ASN A 415 -4.56 -3.62 8.64
C ASN A 415 -3.09 -4.07 8.84
N ALA A 416 -2.33 -3.43 9.75
CA ALA A 416 -0.88 -3.69 9.81
C ALA A 416 -0.51 -5.13 10.08
N LEU A 417 -1.13 -5.79 11.07
CA LEU A 417 -0.71 -7.18 11.38
C LEU A 417 -1.21 -8.17 10.29
N PRO A 418 -2.44 -8.06 9.77
CA PRO A 418 -2.85 -8.94 8.65
C PRO A 418 -1.95 -8.73 7.42
N HIS A 419 -1.62 -7.46 7.08
CA HIS A 419 -0.68 -7.21 5.96
C HIS A 419 0.67 -7.86 6.25
N ALA A 420 1.16 -7.70 7.50
CA ALA A 420 2.49 -8.25 7.85
C ALA A 420 2.50 -9.78 7.80
N ILE A 421 1.39 -10.43 8.13
CA ILE A 421 1.32 -11.90 8.07
C ILE A 421 1.56 -12.38 6.60
N GLY A 422 0.94 -11.71 5.65
CA GLY A 422 1.13 -12.05 4.23
C GLY A 422 2.53 -11.74 3.79
N ALA A 423 3.02 -10.52 4.09
CA ALA A 423 4.37 -10.12 3.66
C ALA A 423 5.44 -11.07 4.27
N GLN A 424 5.32 -11.39 5.56
CA GLN A 424 6.31 -12.26 6.22
C GLN A 424 6.28 -13.68 5.66
N SER A 425 5.09 -14.16 5.26
CA SER A 425 4.96 -15.53 4.73
C SER A 425 5.73 -15.71 3.42
N VAL A 426 6.02 -14.62 2.69
CA VAL A 426 6.74 -14.70 1.41
C VAL A 426 8.18 -15.18 1.63
N ASP A 427 8.84 -14.68 2.70
CA ASP A 427 10.24 -14.98 2.96
C ASP A 427 10.51 -14.74 4.41
N ARG A 428 10.64 -15.84 5.15
CA ARG A 428 10.88 -15.82 6.58
C ARG A 428 12.23 -15.23 6.97
N ASN A 429 13.19 -15.14 6.03
CA ASN A 429 14.48 -14.53 6.32
C ASN A 429 14.50 -13.02 6.10
N ARG A 430 13.38 -12.43 5.65
CA ARG A 430 13.31 -10.99 5.41
C ARG A 430 12.62 -10.33 6.58
N GLN A 431 13.16 -9.21 7.06
CA GLN A 431 12.57 -8.51 8.21
C GLN A 431 11.25 -7.85 7.83
N VAL A 432 10.21 -8.02 8.67
CA VAL A 432 8.90 -7.39 8.48
C VAL A 432 8.54 -6.68 9.79
N ILE A 433 8.32 -5.38 9.71
CA ILE A 433 7.97 -4.54 10.84
C ILE A 433 6.55 -4.04 10.66
N ALA A 434 5.71 -4.29 11.66
CA ALA A 434 4.33 -3.80 11.61
C ALA A 434 4.19 -2.63 12.57
N MET A 435 3.91 -1.42 12.04
CA MET A 435 3.72 -0.23 12.87
C MET A 435 2.25 -0.22 13.26
N CYS A 436 1.96 -0.49 14.55
CA CYS A 436 0.61 -0.64 15.06
C CYS A 436 0.22 0.50 15.96
N GLY A 437 -1.01 0.96 15.84
CA GLY A 437 -1.53 1.95 16.77
C GLY A 437 -2.28 1.23 17.88
N ASP A 438 -2.25 1.75 19.14
CA ASP A 438 -2.95 1.07 20.25
C ASP A 438 -4.48 0.98 20.02
N GLY A 439 -5.02 1.92 19.26
CA GLY A 439 -6.45 1.92 18.94
C GLY A 439 -6.83 0.86 17.92
N GLY A 440 -5.88 0.48 17.09
CA GLY A 440 -6.07 -0.54 16.04
C GLY A 440 -5.65 -1.92 16.50
N LEU A 441 -5.68 -2.17 17.84
CA LEU A 441 -5.34 -3.44 18.43
C LEU A 441 -6.47 -4.18 19.15
N GLY A 442 -7.72 -3.87 18.82
CA GLY A 442 -8.84 -4.64 19.34
C GLY A 442 -8.85 -6.06 18.80
N MET A 443 -8.28 -6.30 17.59
CA MET A 443 -8.23 -7.66 16.99
C MET A 443 -6.83 -8.29 17.13
N LEU A 444 -5.99 -7.78 18.04
CA LEU A 444 -4.61 -8.21 18.18
C LEU A 444 -4.48 -9.70 18.49
N LEU A 445 -5.32 -10.23 19.35
CA LEU A 445 -5.16 -11.61 19.84
C LEU A 445 -5.16 -12.65 18.69
N GLY A 446 -6.11 -12.53 17.76
CA GLY A 446 -6.15 -13.47 16.65
C GLY A 446 -4.94 -13.34 15.76
N GLU A 447 -4.41 -12.12 15.60
CA GLU A 447 -3.24 -11.91 14.77
C GLU A 447 -2.03 -12.57 15.44
N LEU A 448 -1.88 -12.38 16.76
CA LEU A 448 -0.75 -12.98 17.48
C LEU A 448 -0.82 -14.50 17.45
N LEU A 449 -2.03 -15.07 17.55
CA LEU A 449 -2.18 -16.53 17.55
C LEU A 449 -1.82 -17.13 16.16
N THR A 450 -2.09 -16.39 15.09
CA THR A 450 -1.68 -16.81 13.76
C THR A 450 -0.15 -16.74 13.61
N VAL A 451 0.46 -15.65 14.09
CA VAL A 451 1.90 -15.44 14.03
C VAL A 451 2.62 -16.56 14.82
N LYS A 452 2.08 -16.90 16.01
CA LYS A 452 2.65 -17.96 16.84
C LYS A 452 2.55 -19.34 16.14
N LEU A 453 1.37 -19.67 15.60
CA LEU A 453 1.12 -20.94 14.93
C LEU A 453 2.08 -21.15 13.74
N HIS A 454 2.25 -20.11 12.91
CA HIS A 454 3.09 -20.25 11.73
C HIS A 454 4.54 -19.81 11.97
N LYS A 455 4.93 -19.44 13.20
CA LYS A 455 6.30 -19.04 13.55
C LYS A 455 6.81 -17.93 12.62
N LEU A 456 5.97 -16.93 12.36
CA LEU A 456 6.29 -15.80 11.46
C LEU A 456 7.06 -14.78 12.28
N PRO A 457 8.34 -14.55 11.96
CA PRO A 457 9.19 -13.72 12.85
C PRO A 457 9.03 -12.20 12.70
N LEU A 458 7.78 -11.72 12.51
CA LEU A 458 7.56 -10.28 12.32
C LEU A 458 7.71 -9.52 13.66
N LYS A 459 8.00 -8.24 13.56
CA LYS A 459 8.22 -7.40 14.74
C LYS A 459 7.07 -6.42 14.81
N ALA A 460 6.20 -6.58 15.82
CA ALA A 460 5.03 -5.71 15.94
C ALA A 460 5.38 -4.54 16.86
N VAL A 461 5.55 -3.36 16.31
CA VAL A 461 5.89 -2.18 17.08
C VAL A 461 4.60 -1.47 17.43
N VAL A 462 4.23 -1.48 18.71
CA VAL A 462 2.98 -0.88 19.16
C VAL A 462 3.21 0.49 19.74
N PHE A 463 2.61 1.50 19.14
CA PHE A 463 2.63 2.86 19.66
C PHE A 463 1.50 2.93 20.67
N ASN A 464 1.80 2.60 21.93
CA ASN A 464 0.81 2.47 22.98
C ASN A 464 0.52 3.82 23.68
N ASN A 465 -0.57 4.47 23.25
CA ASN A 465 -1.11 5.72 23.80
C ASN A 465 -2.30 5.46 24.75
N SER A 466 -2.45 4.24 25.31
CA SER A 466 -3.63 3.91 26.13
C SER A 466 -3.73 4.75 27.43
N GLU A 489 -4.43 2.20 31.39
CA GLU A 489 -3.24 1.79 30.64
C GLU A 489 -3.26 0.29 30.38
N VAL A 490 -3.06 -0.12 29.13
CA VAL A 490 -3.03 -1.53 28.75
C VAL A 490 -1.60 -2.02 28.62
N ASN A 491 -1.29 -3.22 29.13
CA ASN A 491 0.04 -3.78 28.99
C ASN A 491 0.02 -4.80 27.82
N PHE A 492 0.28 -4.34 26.59
CA PHE A 492 0.30 -5.25 25.44
C PHE A 492 1.44 -6.25 25.51
N ALA A 493 2.58 -5.91 26.18
CA ALA A 493 3.66 -6.88 26.33
C ALA A 493 3.18 -8.11 27.13
N ASP A 494 2.36 -7.90 28.19
CA ASP A 494 1.83 -8.99 29.02
C ASP A 494 0.80 -9.82 28.25
N ILE A 495 -0.02 -9.16 27.41
CA ILE A 495 -1.00 -9.86 26.57
C ILE A 495 -0.26 -10.76 25.59
N ALA A 496 0.79 -10.23 24.92
CA ALA A 496 1.56 -11.02 23.98
C ALA A 496 2.23 -12.22 24.68
N ALA A 497 2.83 -11.99 25.87
CA ALA A 497 3.47 -13.06 26.64
C ALA A 497 2.45 -14.15 27.04
N ALA A 498 1.20 -13.76 27.38
CA ALA A 498 0.15 -14.75 27.73
C ALA A 498 -0.28 -15.57 26.53
N ALA A 499 -0.20 -14.98 25.32
CA ALA A 499 -0.55 -15.71 24.10
C ALA A 499 0.64 -16.53 23.54
N GLY A 500 1.79 -16.56 24.25
CA GLY A 500 2.95 -17.33 23.84
C GLY A 500 3.88 -16.62 22.86
N ILE A 501 3.88 -15.28 22.86
CA ILE A 501 4.75 -14.49 21.99
C ILE A 501 5.77 -13.72 22.84
N LYS A 502 7.05 -13.69 22.43
CA LYS A 502 8.11 -12.90 23.06
C LYS A 502 7.69 -11.42 23.04
N SER A 503 7.88 -10.71 24.15
CA SER A 503 7.52 -9.30 24.18
C SER A 503 8.51 -8.47 25.02
N VAL A 504 8.49 -7.16 24.77
CA VAL A 504 9.30 -6.21 25.53
C VAL A 504 8.46 -4.94 25.75
N ARG A 505 8.66 -4.28 26.92
CA ARG A 505 7.93 -3.05 27.19
C ARG A 505 8.93 -1.89 27.29
N ILE A 506 8.78 -0.85 26.47
CA ILE A 506 9.68 0.31 26.46
C ILE A 506 8.96 1.53 27.02
N THR A 507 9.45 2.06 28.16
CA THR A 507 8.82 3.23 28.78
C THR A 507 9.81 4.41 28.93
N ASP A 508 11.12 4.15 28.96
CA ASP A 508 12.12 5.19 29.18
C ASP A 508 12.73 5.58 27.84
N PRO A 509 12.65 6.87 27.47
CA PRO A 509 13.18 7.29 26.16
C PRO A 509 14.69 7.01 26.01
N THR A 510 15.47 7.10 27.10
CA THR A 510 16.91 6.82 27.00
C THR A 510 17.21 5.33 26.71
N LYS A 511 16.21 4.44 26.84
CA LYS A 511 16.37 3.01 26.62
C LYS A 511 15.76 2.55 25.27
N VAL A 512 15.06 3.44 24.52
CA VAL A 512 14.45 3.08 23.25
C VAL A 512 15.43 2.43 22.27
N ARG A 513 16.59 3.06 22.02
CA ARG A 513 17.54 2.52 21.04
C ARG A 513 18.00 1.10 21.40
N GLU A 514 18.47 0.91 22.64
CA GLU A 514 18.93 -0.36 23.15
C GLU A 514 17.82 -1.44 23.12
N GLN A 515 16.63 -1.12 23.64
CA GLN A 515 15.55 -2.12 23.72
C GLN A 515 14.99 -2.46 22.35
N LEU A 516 14.87 -1.47 21.46
CA LEU A 516 14.38 -1.72 20.11
C LEU A 516 15.41 -2.55 19.32
N ALA A 517 16.72 -2.23 19.42
CA ALA A 517 17.75 -3.01 18.74
C ALA A 517 17.71 -4.48 19.18
N ASP A 518 17.53 -4.71 20.49
CA ASP A 518 17.48 -6.08 21.00
C ASP A 518 16.20 -6.81 20.52
N ALA A 519 15.05 -6.12 20.49
CA ALA A 519 13.81 -6.72 20.01
C ALA A 519 13.90 -7.06 18.54
N LEU A 520 14.42 -6.14 17.70
CA LEU A 520 14.53 -6.39 16.26
C LEU A 520 15.52 -7.54 15.95
N ALA A 521 16.50 -7.79 16.84
CA ALA A 521 17.47 -8.87 16.65
C ALA A 521 16.93 -10.26 17.07
N TYR A 522 15.79 -10.31 17.77
CA TYR A 522 15.24 -11.58 18.26
C TYR A 522 14.83 -12.48 17.08
N PRO A 523 15.32 -13.72 17.03
CA PRO A 523 15.02 -14.62 15.89
C PRO A 523 13.65 -15.29 16.01
N GLY A 524 12.61 -14.48 15.96
CA GLY A 524 11.25 -14.96 16.11
C GLY A 524 10.28 -13.80 16.19
N PRO A 525 9.00 -14.10 16.34
CA PRO A 525 8.01 -13.02 16.48
C PRO A 525 8.17 -12.27 17.80
N VAL A 526 8.06 -10.93 17.78
CA VAL A 526 8.14 -10.10 18.99
C VAL A 526 7.10 -9.02 18.96
N LEU A 527 6.47 -8.74 20.10
CA LEU A 527 5.60 -7.59 20.22
C LEU A 527 6.34 -6.59 21.11
N ILE A 528 6.55 -5.37 20.58
CA ILE A 528 7.26 -4.30 21.24
C ILE A 528 6.26 -3.27 21.70
N ASP A 529 5.98 -3.24 22.98
CA ASP A 529 4.98 -2.35 23.55
C ASP A 529 5.65 -1.06 24.00
N ILE A 530 5.50 0.03 23.23
CA ILE A 530 6.15 1.29 23.57
C ILE A 530 5.14 2.30 24.12
N VAL A 531 5.32 2.71 25.39
CA VAL A 531 4.40 3.66 26.00
C VAL A 531 4.75 5.04 25.49
N THR A 532 3.88 5.59 24.64
CA THR A 532 4.14 6.86 24.01
C THR A 532 3.22 7.98 24.55
N ASP A 533 3.54 9.24 24.22
CA ASP A 533 2.79 10.39 24.66
C ASP A 533 1.48 10.53 23.86
N PRO A 534 0.31 10.42 24.51
CA PRO A 534 -0.96 10.54 23.77
C PRO A 534 -1.24 11.93 23.18
N ASN A 535 -0.49 12.96 23.57
CA ASN A 535 -0.71 14.32 23.05
C ASN A 535 0.29 14.67 21.92
N ALA A 536 0.64 13.69 21.08
CA ALA A 536 1.63 13.93 20.01
C ALA A 536 1.05 14.68 18.80
N LEU A 537 -0.15 14.30 18.33
CA LEU A 537 -0.82 14.91 17.17
C LEU A 537 -1.03 16.42 17.34
N SER A 538 -0.22 17.25 16.65
CA SER A 538 -0.34 18.70 16.70
C SER A 538 -1.20 19.20 15.54
N ILE A 539 -2.31 19.90 15.85
CA ILE A 539 -3.21 20.39 14.79
C ILE A 539 -3.34 21.92 14.88
N PRO A 540 -2.85 22.65 13.86
CA PRO A 540 -2.95 24.13 13.90
C PRO A 540 -4.39 24.61 14.04
N PRO A 541 -4.61 25.76 14.73
CA PRO A 541 -5.99 26.24 14.94
C PRO A 541 -6.77 26.54 13.66
N THR A 542 -6.06 26.72 12.53
CA THR A 542 -6.72 27.01 11.26
C THR A 542 -7.24 25.72 10.57
N ILE A 543 -6.75 24.52 10.94
CA ILE A 543 -7.25 23.29 10.29
C ILE A 543 -8.67 22.97 10.77
N THR A 544 -9.64 23.01 9.84
CA THR A 544 -11.05 22.77 10.14
C THR A 544 -11.43 21.29 9.96
N TRP A 545 -12.62 20.92 10.46
CA TRP A 545 -13.20 19.59 10.28
C TRP A 545 -13.46 19.35 8.76
N GLU A 546 -13.85 20.40 8.01
CA GLU A 546 -14.06 20.29 6.56
C GLU A 546 -12.77 19.86 5.85
N GLN A 547 -11.63 20.41 6.29
CA GLN A 547 -10.32 20.12 5.73
C GLN A 547 -9.90 18.72 6.09
N VAL A 548 -10.12 18.31 7.36
CA VAL A 548 -9.82 16.94 7.82
C VAL A 548 -10.64 15.93 6.97
N MET A 549 -11.90 16.25 6.73
CA MET A 549 -12.79 15.38 5.96
C MET A 549 -12.59 15.44 4.43
N GLY A 550 -11.86 16.44 3.96
CA GLY A 550 -11.56 16.55 2.54
C GLY A 550 -12.64 17.16 1.67
N PHE A 551 -13.48 18.06 2.23
CA PHE A 551 -14.47 18.75 1.40
C PHE A 551 -14.34 20.30 1.50
N SER A 552 -13.20 20.82 2.01
CA SER A 552 -12.98 22.27 2.07
C SER A 552 -12.47 22.72 0.71
N LYS A 553 -13.11 23.76 0.13
CA LYS A 553 -12.79 24.22 -1.22
C LYS A 553 -11.60 25.16 -1.30
N ALA A 554 -11.44 26.07 -0.31
CA ALA A 554 -10.38 27.07 -0.36
C ALA A 554 -8.99 26.45 -0.47
N ALA A 555 -8.13 27.06 -1.33
CA ALA A 555 -6.75 26.62 -1.53
C ALA A 555 -6.00 26.65 -0.22
N THR A 556 -5.17 25.65 0.01
CA THR A 556 -4.42 25.55 1.25
C THR A 556 -3.03 25.01 1.05
N ARG A 557 -2.14 25.41 1.96
CA ARG A 557 -0.76 24.93 2.05
C ARG A 557 -0.45 24.44 3.50
N THR A 558 -1.49 24.32 4.37
CA THR A 558 -1.37 23.95 5.76
C THR A 558 -1.33 22.44 5.96
N VAL A 559 -0.33 21.99 6.74
CA VAL A 559 -0.14 20.58 7.09
C VAL A 559 -0.23 20.39 8.61
N PHE A 560 -0.42 19.14 9.07
CA PHE A 560 -0.43 18.85 10.50
C PHE A 560 0.96 19.19 11.10
N GLY A 561 0.99 19.59 12.36
CA GLY A 561 2.24 19.85 13.08
C GLY A 561 3.06 18.60 13.25
N GLY A 562 4.29 18.76 13.69
CA GLY A 562 5.22 17.66 13.89
C GLY A 562 6.47 17.79 13.04
N GLY A 563 7.52 17.10 13.44
CA GLY A 563 8.79 17.15 12.74
C GLY A 563 8.90 16.11 11.63
N VAL A 564 10.08 16.04 11.02
CA VAL A 564 10.44 15.08 9.99
C VAL A 564 11.80 14.46 10.38
N GLY A 565 12.14 13.33 9.76
CA GLY A 565 13.38 12.64 10.10
C GLY A 565 14.49 12.74 9.09
N ALA A 566 15.08 11.56 8.76
CA ALA A 566 16.28 11.40 7.93
C ALA A 566 16.13 11.97 6.52
N MET A 567 14.89 12.28 6.07
CA MET A 567 14.71 12.93 4.76
C MET A 567 15.46 14.28 4.69
N ILE A 568 15.73 14.90 5.85
CA ILE A 568 16.44 16.18 5.86
C ILE A 568 17.89 16.00 5.34
N ASP A 569 18.47 14.77 5.39
CA ASP A 569 19.87 14.59 4.94
C ASP A 569 19.97 14.77 3.43
N LEU A 570 19.00 14.23 2.69
CA LEU A 570 18.97 14.39 1.24
C LEU A 570 18.71 15.84 0.90
N ALA A 571 17.78 16.50 1.61
CA ALA A 571 17.47 17.93 1.39
C ALA A 571 18.74 18.79 1.51
N ARG A 572 19.56 18.49 2.51
CA ARG A 572 20.78 19.22 2.75
C ARG A 572 21.87 18.90 1.71
N SER A 573 22.02 17.62 1.28
CA SER A 573 23.02 17.31 0.23
C SER A 573 22.63 17.96 -1.11
N ASN A 574 21.33 18.05 -1.40
CA ASN A 574 20.85 18.69 -2.62
C ASN A 574 21.20 20.18 -2.64
N ILE A 575 21.23 20.85 -1.46
CA ILE A 575 21.60 22.26 -1.42
C ILE A 575 23.11 22.39 -1.67
N ARG A 576 23.91 21.52 -1.05
CA ARG A 576 25.36 21.53 -1.25
C ARG A 576 25.73 21.25 -2.73
N ASN A 577 24.93 20.44 -3.43
CA ASN A 577 25.19 20.11 -4.83
C ASN A 577 24.62 21.12 -5.83
N ILE A 578 23.99 22.23 -5.37
CA ILE A 578 23.45 23.23 -6.30
C ILE A 578 24.64 23.88 -7.05
N PRO A 579 24.61 23.89 -8.38
CA PRO A 579 25.75 24.45 -9.13
C PRO A 579 26.02 25.92 -8.82
#